data_1G3R
#
_entry.id   1G3R
#
_cell.length_a   98.644
_cell.length_b   98.644
_cell.length_c   98.644
_cell.angle_alpha   90.00
_cell.angle_beta   90.00
_cell.angle_gamma   90.00
#
_symmetry.space_group_name_H-M   'P 21 3'
#
loop_
_entity.id
_entity.type
_entity.pdbx_description
1 polymer 'CELL DIVISION INHIBITOR'
2 non-polymer 'MAGNESIUM ION'
3 non-polymer 'PHOSPHOMETHYLPHOSPHONIC ACID ADENYLATE ESTER'
4 water water
#
_entity_poly.entity_id   1
_entity_poly.type   'polypeptide(L)'
_entity_poly.pdbx_seq_one_letter_code
;MGRIISIVSGKGGTGKTTVTANLSVALGDRGRKVLAVDGDLTMANLSLVLGVDDPDVTLHDVLAGEANVEDAIYMTQFDN
VYVLPGAVDWEHVLKADPRKLPEVIKSLKDKFDFILIDCPAGLQLDAMSAMLSGEEALLVTNPEISCLTDTMKVGIVLKK
AGLAILGFVLNRYGRSDRDIPPEAAEDVMEVPLLAVIPEDPAIREGTLEGIPAVKYKPESKGAKAFVKLAEEIEKLA
;
_entity_poly.pdbx_strand_id   A
#
# COMPACT_ATOMS: atom_id res chain seq x y z
N MET A 1 -18.81 -1.85 1.59
CA MET A 1 -18.04 -0.88 2.41
C MET A 1 -17.57 0.31 1.55
N GLY A 2 -16.27 0.37 1.27
CA GLY A 2 -15.74 1.44 0.46
C GLY A 2 -14.66 2.24 1.15
N ARG A 3 -13.76 1.57 1.86
CA ARG A 3 -12.68 2.27 2.55
C ARG A 3 -11.45 2.37 1.65
N ILE A 4 -11.09 3.59 1.28
CA ILE A 4 -9.93 3.82 0.42
C ILE A 4 -8.77 4.23 1.31
N ILE A 5 -7.86 3.28 1.56
CA ILE A 5 -6.70 3.54 2.39
C ILE A 5 -5.45 3.76 1.54
N SER A 6 -4.64 4.75 1.91
CA SER A 6 -3.43 5.04 1.18
C SER A 6 -2.24 4.52 1.95
N ILE A 7 -1.49 3.60 1.34
CA ILE A 7 -0.31 3.05 1.98
C ILE A 7 0.81 4.02 1.64
N VAL A 8 1.29 4.76 2.64
CA VAL A 8 2.32 5.75 2.40
C VAL A 8 3.46 5.73 3.40
N SER A 9 4.53 6.41 3.02
CA SER A 9 5.72 6.55 3.85
C SER A 9 6.50 7.78 3.41
N GLY A 10 7.20 8.39 4.36
CA GLY A 10 7.96 9.59 4.05
C GLY A 10 9.34 9.40 3.43
N LYS A 11 9.91 8.20 3.58
CA LYS A 11 11.24 7.98 3.04
C LYS A 11 11.33 7.10 1.78
N GLY A 12 11.02 5.82 1.94
CA GLY A 12 11.09 4.89 0.83
C GLY A 12 11.93 3.70 1.24
N GLY A 13 11.80 2.58 0.53
CA GLY A 13 12.55 1.38 0.89
C GLY A 13 12.04 0.87 2.22
N THR A 14 10.91 1.42 2.62
CA THR A 14 10.25 1.09 3.87
C THR A 14 9.37 -0.16 3.78
N GLY A 15 8.88 -0.47 2.58
CA GLY A 15 8.03 -1.63 2.42
C GLY A 15 6.56 -1.35 2.14
N LYS A 16 6.27 -0.23 1.49
CA LYS A 16 4.90 0.14 1.14
C LYS A 16 4.24 -0.90 0.24
N THR A 17 4.96 -1.34 -0.77
CA THR A 17 4.44 -2.33 -1.70
C THR A 17 4.19 -3.66 -1.00
N THR A 18 5.08 -4.01 -0.08
CA THR A 18 4.96 -5.26 0.66
C THR A 18 3.70 -5.19 1.50
N VAL A 19 3.53 -4.08 2.21
CA VAL A 19 2.35 -3.89 3.04
C VAL A 19 1.08 -3.94 2.19
N THR A 20 1.04 -3.15 1.13
CA THR A 20 -0.11 -3.14 0.25
C THR A 20 -0.49 -4.57 -0.15
N ALA A 21 0.48 -5.32 -0.65
CA ALA A 21 0.23 -6.68 -1.10
C ALA A 21 -0.18 -7.66 0.01
N ASN A 22 0.59 -7.70 1.08
CA ASN A 22 0.25 -8.61 2.18
C ASN A 22 -1.07 -8.26 2.84
N LEU A 23 -1.27 -6.98 3.08
CA LEU A 23 -2.49 -6.53 3.69
C LEU A 23 -3.67 -6.91 2.79
N SER A 24 -3.55 -6.63 1.49
CA SER A 24 -4.61 -6.96 0.54
C SER A 24 -4.97 -8.43 0.63
N VAL A 25 -3.96 -9.30 0.46
CA VAL A 25 -4.19 -10.73 0.53
C VAL A 25 -4.81 -11.12 1.88
N ALA A 26 -4.36 -10.48 2.96
CA ALA A 26 -4.88 -10.77 4.29
C ALA A 26 -6.36 -10.41 4.42
N LEU A 27 -6.73 -9.21 3.97
CA LEU A 27 -8.12 -8.78 4.03
C LEU A 27 -8.99 -9.66 3.15
N GLY A 28 -8.49 -9.96 1.96
CA GLY A 28 -9.22 -10.79 1.03
C GLY A 28 -9.39 -12.17 1.60
N ASP A 29 -8.46 -12.57 2.46
CA ASP A 29 -8.51 -13.89 3.07
C ASP A 29 -9.63 -13.94 4.11
N ARG A 30 -10.06 -12.77 4.57
CA ARG A 30 -11.12 -12.68 5.56
C ARG A 30 -12.44 -12.31 4.89
N GLY A 31 -12.60 -12.71 3.63
CA GLY A 31 -13.82 -12.43 2.91
C GLY A 31 -14.07 -11.02 2.41
N ARG A 32 -13.07 -10.15 2.50
CA ARG A 32 -13.25 -8.78 2.04
C ARG A 32 -12.86 -8.61 0.59
N LYS A 33 -13.72 -7.98 -0.21
CA LYS A 33 -13.39 -7.75 -1.61
C LYS A 33 -12.41 -6.58 -1.61
N VAL A 34 -11.20 -6.80 -2.13
CA VAL A 34 -10.19 -5.76 -2.13
C VAL A 34 -9.59 -5.45 -3.49
N LEU A 35 -9.25 -4.19 -3.69
CA LEU A 35 -8.64 -3.75 -4.92
C LEU A 35 -7.29 -3.16 -4.59
N ALA A 36 -6.23 -3.81 -5.03
CA ALA A 36 -4.90 -3.32 -4.79
C ALA A 36 -4.59 -2.39 -5.97
N VAL A 37 -4.31 -1.13 -5.66
CA VAL A 37 -4.02 -0.16 -6.70
C VAL A 37 -2.57 0.28 -6.68
N ASP A 38 -1.93 0.27 -7.84
CA ASP A 38 -0.54 0.69 -7.96
C ASP A 38 -0.48 2.18 -8.28
N GLY A 39 -0.19 2.99 -7.27
CA GLY A 39 -0.12 4.43 -7.45
C GLY A 39 1.25 4.97 -7.76
N ASP A 40 2.22 4.07 -7.89
CA ASP A 40 3.58 4.49 -8.21
C ASP A 40 3.70 4.48 -9.73
N LEU A 41 3.23 5.54 -10.36
CA LEU A 41 3.25 5.62 -11.81
C LEU A 41 4.63 5.56 -12.43
N THR A 42 5.64 6.06 -11.73
CA THR A 42 7.00 6.08 -12.27
C THR A 42 7.70 4.73 -12.24
N MET A 43 7.36 3.90 -11.26
CA MET A 43 7.96 2.58 -11.13
C MET A 43 6.95 1.54 -10.69
N ALA A 44 6.06 1.16 -11.61
CA ALA A 44 5.03 0.17 -11.34
C ALA A 44 5.71 -1.08 -10.79
N ASN A 45 5.09 -1.73 -9.81
CA ASN A 45 5.69 -2.91 -9.21
C ASN A 45 4.64 -3.75 -8.48
N LEU A 46 3.59 -3.11 -7.99
CA LEU A 46 2.54 -3.80 -7.26
C LEU A 46 1.96 -5.05 -7.93
N SER A 47 1.59 -4.94 -9.19
CA SER A 47 0.99 -6.08 -9.89
C SER A 47 1.92 -7.27 -9.98
N LEU A 48 3.21 -6.99 -10.16
CA LEU A 48 4.18 -8.05 -10.27
C LEU A 48 4.25 -8.81 -8.95
N VAL A 49 4.33 -8.07 -7.85
CA VAL A 49 4.41 -8.64 -6.53
C VAL A 49 3.14 -9.45 -6.23
N LEU A 50 2.08 -9.16 -6.97
CA LEU A 50 0.82 -9.87 -6.80
C LEU A 50 0.61 -10.94 -7.84
N GLY A 51 1.65 -11.29 -8.58
CA GLY A 51 1.54 -12.33 -9.57
C GLY A 51 0.82 -12.05 -10.87
N VAL A 52 0.48 -10.79 -11.13
CA VAL A 52 -0.22 -10.44 -12.37
C VAL A 52 0.82 -9.84 -13.32
N ASP A 53 1.40 -10.72 -14.14
CA ASP A 53 2.47 -10.38 -15.06
C ASP A 53 2.31 -9.37 -16.19
N ASP A 54 1.54 -9.71 -17.22
CA ASP A 54 1.45 -8.83 -18.36
C ASP A 54 0.08 -8.28 -18.74
N PRO A 55 -0.51 -7.43 -17.90
CA PRO A 55 -1.83 -6.87 -18.20
C PRO A 55 -1.79 -5.93 -19.40
N ASP A 56 -2.79 -6.04 -20.28
CA ASP A 56 -2.88 -5.21 -21.48
C ASP A 56 -3.32 -3.80 -21.16
N VAL A 57 -4.25 -3.68 -20.23
CA VAL A 57 -4.79 -2.38 -19.84
C VAL A 57 -4.33 -2.04 -18.43
N THR A 58 -3.81 -0.84 -18.25
CA THR A 58 -3.31 -0.44 -16.94
C THR A 58 -3.83 0.91 -16.51
N LEU A 59 -3.52 1.26 -15.27
CA LEU A 59 -3.92 2.54 -14.72
C LEU A 59 -3.45 3.69 -15.61
N HIS A 60 -2.25 3.56 -16.16
CA HIS A 60 -1.67 4.57 -17.04
C HIS A 60 -2.56 4.81 -18.25
N ASP A 61 -3.14 3.74 -18.79
CA ASP A 61 -4.04 3.89 -19.94
C ASP A 61 -5.25 4.74 -19.55
N VAL A 62 -5.76 4.49 -18.35
CA VAL A 62 -6.92 5.21 -17.83
C VAL A 62 -6.59 6.67 -17.59
N LEU A 63 -5.47 6.93 -16.92
CA LEU A 63 -5.05 8.28 -16.62
C LEU A 63 -4.70 9.06 -17.88
N ALA A 64 -4.67 8.35 -19.01
CA ALA A 64 -4.36 8.97 -20.29
C ALA A 64 -5.65 9.17 -21.10
N GLY A 65 -6.78 8.83 -20.49
CA GLY A 65 -8.06 8.97 -21.16
C GLY A 65 -8.16 7.95 -22.28
N GLU A 66 -7.41 6.85 -22.17
CA GLU A 66 -7.42 5.82 -23.19
C GLU A 66 -8.34 4.64 -22.88
N ALA A 67 -8.65 4.46 -21.60
CA ALA A 67 -9.50 3.35 -21.19
C ALA A 67 -10.35 3.65 -19.96
N ASN A 68 -11.47 2.94 -19.84
CA ASN A 68 -12.35 3.08 -18.69
C ASN A 68 -11.73 2.24 -17.60
N VAL A 69 -11.64 2.79 -16.39
CA VAL A 69 -11.03 2.09 -15.29
C VAL A 69 -11.58 0.68 -15.07
N GLU A 70 -12.81 0.41 -15.48
CA GLU A 70 -13.38 -0.92 -15.30
C GLU A 70 -12.59 -1.98 -16.07
N ASP A 71 -11.93 -1.55 -17.13
CA ASP A 71 -11.13 -2.48 -17.96
C ASP A 71 -9.68 -2.58 -17.51
N ALA A 72 -9.35 -1.96 -16.39
CA ALA A 72 -8.00 -2.00 -15.86
C ALA A 72 -8.00 -2.80 -14.56
N ILE A 73 -9.09 -3.51 -14.30
CA ILE A 73 -9.20 -4.32 -13.09
C ILE A 73 -9.05 -5.81 -13.42
N TYR A 74 -8.06 -6.43 -12.79
CA TYR A 74 -7.77 -7.83 -13.03
C TYR A 74 -7.90 -8.68 -11.79
N MET A 75 -8.13 -9.97 -12.01
CA MET A 75 -8.24 -10.91 -10.92
C MET A 75 -6.81 -11.30 -10.58
N THR A 76 -6.59 -11.78 -9.36
CA THR A 76 -5.26 -12.23 -8.96
C THR A 76 -5.50 -13.66 -8.50
N GLN A 77 -4.42 -14.39 -8.29
CA GLN A 77 -4.57 -15.78 -7.86
C GLN A 77 -5.19 -15.86 -6.47
N PHE A 78 -5.32 -14.72 -5.81
CA PHE A 78 -5.89 -14.68 -4.46
C PHE A 78 -7.37 -14.34 -4.40
N ASP A 79 -8.05 -14.99 -3.46
CA ASP A 79 -9.47 -14.79 -3.27
C ASP A 79 -9.80 -13.37 -2.84
N ASN A 80 -10.80 -12.80 -3.51
CA ASN A 80 -11.26 -11.45 -3.22
C ASN A 80 -10.24 -10.36 -3.40
N VAL A 81 -9.09 -10.67 -4.02
CA VAL A 81 -8.08 -9.65 -4.24
C VAL A 81 -7.93 -9.31 -5.72
N TYR A 82 -8.29 -8.08 -6.08
CA TYR A 82 -8.16 -7.66 -7.46
C TYR A 82 -7.10 -6.58 -7.52
N VAL A 83 -6.55 -6.36 -8.70
CA VAL A 83 -5.51 -5.36 -8.84
C VAL A 83 -5.78 -4.41 -9.99
N LEU A 84 -5.42 -3.15 -9.75
CA LEU A 84 -5.53 -2.10 -10.76
C LEU A 84 -4.04 -1.85 -11.00
N PRO A 85 -3.45 -2.59 -11.96
CA PRO A 85 -2.03 -2.55 -12.35
C PRO A 85 -1.56 -1.31 -13.08
N GLY A 86 -0.25 -1.08 -13.02
CA GLY A 86 0.34 0.06 -13.71
C GLY A 86 1.32 -0.40 -14.76
N ALA A 87 1.39 0.33 -15.88
CA ALA A 87 2.33 0.00 -16.95
C ALA A 87 3.73 0.39 -16.51
N VAL A 88 4.76 -0.10 -17.21
CA VAL A 88 6.14 0.22 -16.88
C VAL A 88 6.86 1.00 -17.97
N ASP A 89 6.45 0.82 -19.21
CA ASP A 89 7.10 1.52 -20.32
C ASP A 89 6.99 3.03 -20.14
N TRP A 90 8.06 3.74 -20.51
CA TRP A 90 8.14 5.19 -20.36
C TRP A 90 7.00 5.96 -21.00
N GLU A 91 6.69 5.69 -22.26
CA GLU A 91 5.60 6.40 -22.94
C GLU A 91 4.36 6.46 -22.05
N HIS A 92 3.99 5.33 -21.46
CA HIS A 92 2.82 5.27 -20.58
C HIS A 92 2.99 6.23 -19.40
N VAL A 93 4.17 6.19 -18.79
CA VAL A 93 4.48 7.06 -17.65
C VAL A 93 4.18 8.52 -18.00
N LEU A 94 4.61 8.92 -19.20
CA LEU A 94 4.44 10.27 -19.70
C LEU A 94 2.99 10.71 -19.89
N LYS A 95 2.25 9.89 -20.63
CA LYS A 95 0.87 10.20 -20.95
C LYS A 95 -0.12 9.97 -19.82
N ALA A 96 0.38 9.57 -18.66
CA ALA A 96 -0.49 9.32 -17.53
C ALA A 96 -0.59 10.57 -16.63
N ASP A 97 -1.74 11.24 -16.69
CA ASP A 97 -2.01 12.43 -15.89
C ASP A 97 -2.27 12.03 -14.43
N PRO A 98 -1.29 12.25 -13.55
CA PRO A 98 -1.46 11.89 -12.14
C PRO A 98 -2.59 12.65 -11.45
N ARG A 99 -2.98 13.79 -12.01
CA ARG A 99 -4.02 14.59 -11.41
C ARG A 99 -5.41 13.95 -11.48
N LYS A 100 -5.60 12.98 -12.36
CA LYS A 100 -6.90 12.34 -12.46
C LYS A 100 -7.06 11.17 -11.50
N LEU A 101 -5.97 10.82 -10.82
CA LEU A 101 -6.02 9.70 -9.88
C LEU A 101 -7.16 9.75 -8.88
N PRO A 102 -7.31 10.86 -8.15
CA PRO A 102 -8.40 10.92 -7.18
C PRO A 102 -9.79 10.63 -7.74
N GLU A 103 -10.11 11.20 -8.90
CA GLU A 103 -11.44 10.96 -9.46
C GLU A 103 -11.56 9.52 -9.95
N VAL A 104 -10.49 9.01 -10.55
CA VAL A 104 -10.51 7.64 -11.04
C VAL A 104 -10.67 6.61 -9.93
N ILE A 105 -9.83 6.73 -8.91
CA ILE A 105 -9.86 5.80 -7.79
C ILE A 105 -11.14 5.89 -6.97
N LYS A 106 -11.59 7.09 -6.66
CA LYS A 106 -12.80 7.22 -5.86
C LYS A 106 -14.05 6.72 -6.59
N SER A 107 -13.99 6.61 -7.91
CA SER A 107 -15.15 6.12 -8.66
C SER A 107 -15.32 4.63 -8.46
N LEU A 108 -14.44 4.03 -7.67
CA LEU A 108 -14.49 2.60 -7.41
C LEU A 108 -14.86 2.34 -5.96
N LYS A 109 -15.12 3.42 -5.22
CA LYS A 109 -15.45 3.33 -3.81
C LYS A 109 -16.64 2.43 -3.45
N ASP A 110 -17.52 2.16 -4.41
CA ASP A 110 -18.68 1.34 -4.13
C ASP A 110 -18.59 -0.12 -4.57
N LYS A 111 -17.53 -0.48 -5.28
CA LYS A 111 -17.38 -1.86 -5.75
C LYS A 111 -16.40 -2.71 -4.93
N PHE A 112 -15.88 -2.16 -3.83
CA PHE A 112 -14.91 -2.89 -3.01
C PHE A 112 -15.04 -2.49 -1.55
N ASP A 113 -14.68 -3.40 -0.64
CA ASP A 113 -14.75 -3.09 0.77
C ASP A 113 -13.51 -2.28 1.13
N PHE A 114 -12.42 -2.57 0.43
CA PHE A 114 -11.15 -1.86 0.62
C PHE A 114 -10.43 -1.62 -0.70
N ILE A 115 -9.92 -0.41 -0.85
CA ILE A 115 -9.14 -0.03 -2.02
C ILE A 115 -7.81 0.41 -1.40
N LEU A 116 -6.77 -0.38 -1.57
CA LEU A 116 -5.47 -0.04 -1.00
C LEU A 116 -4.51 0.49 -2.05
N ILE A 117 -4.16 1.77 -1.90
CA ILE A 117 -3.27 2.45 -2.84
C ILE A 117 -1.80 2.41 -2.44
N ASP A 118 -0.97 1.83 -3.30
CA ASP A 118 0.46 1.75 -3.07
C ASP A 118 0.99 3.10 -3.54
N CYS A 119 1.50 3.90 -2.61
CA CYS A 119 1.98 5.24 -2.94
C CYS A 119 3.49 5.44 -2.99
N PRO A 120 3.98 6.12 -4.03
CA PRO A 120 5.42 6.37 -4.15
C PRO A 120 5.84 7.37 -3.08
N ALA A 121 7.02 7.17 -2.50
CA ALA A 121 7.51 8.06 -1.46
C ALA A 121 7.78 9.47 -1.98
N GLY A 122 7.62 10.46 -1.10
CA GLY A 122 7.87 11.83 -1.49
C GLY A 122 6.67 12.73 -1.48
N LEU A 123 6.89 14.02 -1.73
CA LEU A 123 5.82 15.00 -1.75
C LEU A 123 5.60 15.55 -3.15
N GLN A 124 6.27 14.98 -4.14
CA GLN A 124 6.13 15.44 -5.52
C GLN A 124 4.75 15.16 -6.10
N LEU A 125 4.51 15.67 -7.30
CA LEU A 125 3.23 15.53 -7.97
C LEU A 125 2.64 14.11 -7.96
N ASP A 126 3.41 13.13 -8.45
CA ASP A 126 2.95 11.74 -8.49
C ASP A 126 2.61 11.20 -7.11
N ALA A 127 3.53 11.37 -6.16
CA ALA A 127 3.31 10.89 -4.80
C ALA A 127 2.05 11.55 -4.22
N MET A 128 2.00 12.87 -4.27
CA MET A 128 0.86 13.61 -3.76
C MET A 128 -0.45 13.19 -4.43
N SER A 129 -0.43 13.12 -5.76
CA SER A 129 -1.63 12.73 -6.49
C SER A 129 -2.16 11.41 -5.97
N ALA A 130 -1.24 10.49 -5.67
CA ALA A 130 -1.59 9.17 -5.19
C ALA A 130 -2.09 9.16 -3.76
N MET A 131 -1.33 9.75 -2.85
CA MET A 131 -1.75 9.78 -1.46
C MET A 131 -3.10 10.49 -1.32
N LEU A 132 -3.27 11.59 -2.05
CA LEU A 132 -4.51 12.36 -1.98
C LEU A 132 -5.70 11.70 -2.65
N SER A 133 -5.54 10.44 -3.05
CA SER A 133 -6.62 9.72 -3.69
C SER A 133 -7.38 8.91 -2.64
N GLY A 134 -6.79 8.82 -1.46
CA GLY A 134 -7.41 8.06 -0.38
C GLY A 134 -8.13 8.91 0.66
N GLU A 135 -8.97 8.26 1.47
CA GLU A 135 -9.72 8.95 2.51
C GLU A 135 -9.12 8.60 3.86
N GLU A 136 -8.43 7.47 3.90
CA GLU A 136 -7.76 7.00 5.11
C GLU A 136 -6.30 6.81 4.73
N ALA A 137 -5.41 6.82 5.72
CA ALA A 137 -3.99 6.64 5.44
C ALA A 137 -3.31 5.74 6.46
N LEU A 138 -2.41 4.90 5.96
CA LEU A 138 -1.66 3.97 6.78
C LEU A 138 -0.20 4.31 6.60
N LEU A 139 0.42 4.84 7.64
CA LEU A 139 1.81 5.22 7.57
C LEU A 139 2.72 4.01 7.74
N VAL A 140 3.67 3.86 6.83
CA VAL A 140 4.62 2.75 6.88
C VAL A 140 5.99 3.33 7.18
N THR A 141 6.71 2.74 8.12
CA THR A 141 8.02 3.26 8.47
C THR A 141 8.97 2.22 9.06
N ASN A 142 10.26 2.55 9.02
CA ASN A 142 11.31 1.69 9.55
C ASN A 142 11.78 2.21 10.90
N PRO A 143 12.41 1.36 11.73
CA PRO A 143 12.89 1.76 13.05
C PRO A 143 14.07 2.75 12.98
N GLU A 144 14.09 3.56 11.94
CA GLU A 144 15.14 4.56 11.73
C GLU A 144 14.60 5.88 12.24
N ILE A 145 15.50 6.78 12.62
CA ILE A 145 15.09 8.07 13.14
C ILE A 145 14.68 9.05 12.05
N SER A 146 15.56 9.27 11.09
CA SER A 146 15.26 10.19 10.01
C SER A 146 14.00 9.71 9.31
N CYS A 147 13.78 8.41 9.35
CA CYS A 147 12.60 7.82 8.73
C CYS A 147 11.34 8.11 9.53
N LEU A 148 11.35 7.75 10.80
CA LEU A 148 10.21 7.98 11.68
C LEU A 148 9.76 9.44 11.65
N THR A 149 10.72 10.34 11.50
CA THR A 149 10.42 11.77 11.47
C THR A 149 9.66 12.19 10.20
N ASP A 150 10.28 11.99 9.05
CA ASP A 150 9.66 12.37 7.78
C ASP A 150 8.27 11.78 7.67
N THR A 151 8.17 10.47 7.85
CA THR A 151 6.90 9.76 7.78
C THR A 151 5.86 10.53 8.59
N MET A 152 6.24 10.91 9.80
CA MET A 152 5.36 11.65 10.67
C MET A 152 4.91 12.95 9.99
N LYS A 153 5.86 13.64 9.37
CA LYS A 153 5.54 14.88 8.68
C LYS A 153 4.39 14.58 7.73
N VAL A 154 4.68 13.73 6.75
CA VAL A 154 3.71 13.32 5.74
C VAL A 154 2.34 13.01 6.36
N GLY A 155 2.35 12.48 7.58
CA GLY A 155 1.11 12.17 8.23
C GLY A 155 0.21 13.39 8.39
N ILE A 156 0.82 14.50 8.78
CA ILE A 156 0.08 15.74 9.00
C ILE A 156 -0.37 16.36 7.68
N VAL A 157 0.54 16.43 6.71
CA VAL A 157 0.21 16.99 5.41
C VAL A 157 -1.08 16.35 4.92
N LEU A 158 -1.21 15.05 5.19
CA LEU A 158 -2.38 14.30 4.79
C LEU A 158 -3.54 14.52 5.75
N LYS A 159 -3.22 14.76 7.02
CA LYS A 159 -4.27 14.99 8.00
C LYS A 159 -4.90 16.34 7.65
N LYS A 160 -4.05 17.30 7.33
CA LYS A 160 -4.50 18.62 6.96
C LYS A 160 -5.32 18.50 5.70
N ALA A 161 -4.90 17.58 4.83
CA ALA A 161 -5.58 17.35 3.57
C ALA A 161 -7.01 16.82 3.75
N GLY A 162 -7.28 16.24 4.91
CA GLY A 162 -8.61 15.72 5.17
C GLY A 162 -8.64 14.21 5.34
N LEU A 163 -7.49 13.56 5.14
CA LEU A 163 -7.41 12.12 5.28
C LEU A 163 -7.31 11.76 6.75
N ALA A 164 -8.02 10.70 7.15
CA ALA A 164 -8.00 10.24 8.52
C ALA A 164 -6.78 9.33 8.70
N ILE A 165 -5.83 9.76 9.54
CA ILE A 165 -4.63 8.96 9.79
C ILE A 165 -4.97 7.80 10.71
N LEU A 166 -4.95 6.58 10.18
CA LEU A 166 -5.28 5.37 10.94
C LEU A 166 -4.19 4.98 11.93
N GLY A 167 -2.95 5.34 11.61
CA GLY A 167 -1.84 5.01 12.48
C GLY A 167 -0.68 4.57 11.61
N PHE A 168 0.34 3.97 12.21
CA PHE A 168 1.48 3.56 11.42
C PHE A 168 1.83 2.10 11.61
N VAL A 169 2.80 1.66 10.82
CA VAL A 169 3.29 0.30 10.85
C VAL A 169 4.80 0.37 11.04
N LEU A 170 5.32 -0.35 12.02
CA LEU A 170 6.76 -0.35 12.26
C LEU A 170 7.28 -1.59 11.54
N ASN A 171 7.74 -1.38 10.31
CA ASN A 171 8.22 -2.47 9.48
C ASN A 171 9.73 -2.68 9.61
N ARG A 172 10.16 -3.92 9.38
CA ARG A 172 11.56 -4.27 9.43
C ARG A 172 12.19 -4.35 10.82
N TYR A 173 11.39 -4.13 11.85
CA TYR A 173 11.92 -4.20 13.21
C TYR A 173 12.69 -5.49 13.46
N GLY A 174 13.73 -5.40 14.28
CA GLY A 174 14.54 -6.56 14.57
C GLY A 174 15.52 -6.80 13.44
N ARG A 175 15.85 -5.71 12.74
CA ARG A 175 16.78 -5.76 11.62
C ARG A 175 18.18 -5.38 12.07
N SER A 176 18.23 -4.46 13.05
CA SER A 176 19.48 -3.96 13.60
C SER A 176 19.42 -3.86 15.14
N ASP A 177 20.58 -3.66 15.75
CA ASP A 177 20.68 -3.52 17.21
C ASP A 177 20.22 -2.13 17.59
N ARG A 178 20.44 -1.19 16.68
CA ARG A 178 20.10 0.21 16.87
C ARG A 178 18.70 0.55 16.39
N ASP A 179 17.82 -0.46 16.32
CA ASP A 179 16.46 -0.23 15.88
C ASP A 179 15.62 0.29 17.04
N ILE A 180 14.88 1.36 16.78
CA ILE A 180 14.01 1.96 17.79
C ILE A 180 12.92 0.98 18.21
N PRO A 181 12.79 0.73 19.51
CA PRO A 181 11.77 -0.19 20.01
C PRO A 181 10.35 0.29 19.67
N PRO A 182 9.35 -0.56 19.90
CA PRO A 182 7.94 -0.25 19.62
C PRO A 182 7.36 0.99 20.30
N GLU A 183 6.89 0.86 21.55
CA GLU A 183 6.29 2.01 22.23
C GLU A 183 7.09 3.29 22.07
N ALA A 184 8.42 3.17 22.13
CA ALA A 184 9.28 4.33 21.96
C ALA A 184 8.88 5.00 20.66
N ALA A 185 9.13 4.32 19.56
CA ALA A 185 8.79 4.82 18.24
C ALA A 185 7.32 5.23 18.19
N GLU A 186 6.50 4.63 19.06
CA GLU A 186 5.07 4.94 19.10
C GLU A 186 4.81 6.35 19.61
N ASP A 187 5.27 6.65 20.83
CA ASP A 187 5.07 7.97 21.38
C ASP A 187 5.94 8.99 20.63
N VAL A 188 6.45 8.58 19.47
CA VAL A 188 7.27 9.46 18.63
C VAL A 188 6.43 9.88 17.44
N MET A 189 5.83 8.90 16.76
CA MET A 189 4.97 9.17 15.59
C MET A 189 3.73 9.92 16.05
N GLU A 190 3.28 9.61 17.26
CA GLU A 190 2.12 10.25 17.84
C GLU A 190 0.81 9.84 17.17
N VAL A 191 0.76 8.57 16.78
CA VAL A 191 -0.41 7.96 16.16
C VAL A 191 -0.31 6.51 16.62
N PRO A 192 -1.45 5.83 16.75
CA PRO A 192 -1.42 4.43 17.19
C PRO A 192 -0.47 3.54 16.39
N LEU A 193 0.22 2.64 17.09
CA LEU A 193 1.11 1.68 16.45
C LEU A 193 0.19 0.54 16.11
N LEU A 194 -0.14 0.41 14.83
CA LEU A 194 -1.05 -0.64 14.38
C LEU A 194 -0.45 -2.05 14.25
N ALA A 195 0.87 -2.14 14.12
CA ALA A 195 1.52 -3.44 14.00
C ALA A 195 3.02 -3.36 13.84
N VAL A 196 3.70 -4.42 14.26
CA VAL A 196 5.14 -4.51 14.12
C VAL A 196 5.43 -5.63 13.13
N ILE A 197 5.96 -5.26 11.97
CA ILE A 197 6.30 -6.25 10.95
C ILE A 197 7.79 -6.49 11.08
N PRO A 198 8.17 -7.69 11.53
CA PRO A 198 9.57 -8.08 11.73
C PRO A 198 10.37 -8.21 10.44
N GLU A 199 11.68 -8.15 10.56
CA GLU A 199 12.56 -8.31 9.42
C GLU A 199 12.57 -9.82 9.20
N ASP A 200 11.76 -10.28 8.25
CA ASP A 200 11.66 -11.71 7.98
C ASP A 200 11.97 -12.03 6.52
N PRO A 201 13.04 -12.82 6.26
CA PRO A 201 13.43 -13.22 4.91
C PRO A 201 12.25 -13.78 4.12
N ALA A 202 11.29 -14.37 4.83
CA ALA A 202 10.10 -14.94 4.21
C ALA A 202 9.33 -13.89 3.42
N ILE A 203 9.33 -12.66 3.92
CA ILE A 203 8.63 -11.58 3.24
C ILE A 203 9.29 -11.30 1.90
N ARG A 204 10.62 -11.40 1.86
CA ARG A 204 11.37 -11.18 0.62
C ARG A 204 11.16 -12.37 -0.31
N GLU A 205 11.03 -13.56 0.25
CA GLU A 205 10.81 -14.75 -0.56
C GLU A 205 9.48 -14.61 -1.28
N GLY A 206 8.47 -14.10 -0.57
CA GLY A 206 7.16 -13.91 -1.18
C GLY A 206 7.24 -12.90 -2.30
N THR A 207 7.99 -11.82 -2.07
CA THR A 207 8.15 -10.76 -3.06
C THR A 207 8.62 -11.31 -4.40
N LEU A 208 9.75 -12.01 -4.38
CA LEU A 208 10.30 -12.57 -5.61
C LEU A 208 9.39 -13.61 -6.20
N GLU A 209 8.69 -14.33 -5.34
CA GLU A 209 7.79 -15.37 -5.79
C GLU A 209 6.59 -14.82 -6.55
N GLY A 210 6.07 -13.68 -6.10
CA GLY A 210 4.89 -13.13 -6.73
C GLY A 210 3.67 -13.60 -5.93
N ILE A 211 3.94 -14.09 -4.72
CA ILE A 211 2.90 -14.56 -3.81
C ILE A 211 3.19 -13.96 -2.43
N PRO A 212 2.47 -12.91 -2.05
CA PRO A 212 2.73 -12.30 -0.75
C PRO A 212 2.96 -13.32 0.37
N ALA A 213 3.94 -13.05 1.21
CA ALA A 213 4.35 -13.90 2.33
C ALA A 213 3.23 -14.42 3.22
N VAL A 214 2.25 -13.57 3.51
CA VAL A 214 1.14 -13.96 4.38
C VAL A 214 0.46 -15.22 3.86
N LYS A 215 0.50 -15.41 2.55
CA LYS A 215 -0.13 -16.57 1.93
C LYS A 215 0.87 -17.67 1.58
N TYR A 216 2.00 -17.27 1.00
CA TYR A 216 3.04 -18.20 0.59
C TYR A 216 3.60 -19.03 1.75
N LYS A 217 3.99 -18.35 2.83
CA LYS A 217 4.55 -19.02 4.00
C LYS A 217 3.76 -18.60 5.23
N PRO A 218 2.52 -19.09 5.31
CA PRO A 218 1.53 -18.84 6.37
C PRO A 218 2.00 -18.90 7.82
N GLU A 219 2.89 -19.82 8.15
CA GLU A 219 3.37 -19.97 9.53
C GLU A 219 4.50 -19.02 9.93
N SER A 220 5.13 -18.39 8.95
CA SER A 220 6.25 -17.48 9.19
C SER A 220 5.83 -16.33 10.10
N LYS A 221 6.81 -15.69 10.74
CA LYS A 221 6.52 -14.58 11.63
C LYS A 221 5.87 -13.43 10.86
N GLY A 222 6.47 -13.04 9.73
CA GLY A 222 5.91 -11.96 8.95
C GLY A 222 4.47 -12.24 8.55
N ALA A 223 4.18 -13.48 8.19
CA ALA A 223 2.84 -13.85 7.78
C ALA A 223 1.83 -13.55 8.89
N LYS A 224 2.12 -14.03 10.10
CA LYS A 224 1.24 -13.84 11.26
C LYS A 224 1.07 -12.37 11.59
N ALA A 225 2.18 -11.63 11.54
CA ALA A 225 2.17 -10.20 11.84
C ALA A 225 1.23 -9.44 10.92
N PHE A 226 1.13 -9.87 9.66
CA PHE A 226 0.26 -9.20 8.71
C PHE A 226 -1.19 -9.58 8.90
N VAL A 227 -1.43 -10.80 9.37
CA VAL A 227 -2.80 -11.21 9.60
C VAL A 227 -3.35 -10.38 10.74
N LYS A 228 -2.52 -10.12 11.74
CA LYS A 228 -2.95 -9.31 12.86
C LYS A 228 -3.25 -7.90 12.40
N LEU A 229 -2.37 -7.35 11.56
CA LEU A 229 -2.57 -6.00 11.04
C LEU A 229 -3.94 -5.95 10.38
N ALA A 230 -4.26 -7.01 9.64
CA ALA A 230 -5.54 -7.08 8.95
C ALA A 230 -6.65 -6.90 9.98
N GLU A 231 -6.52 -7.58 11.10
CA GLU A 231 -7.51 -7.49 12.17
C GLU A 231 -7.58 -6.06 12.71
N GLU A 232 -6.42 -5.47 12.98
CA GLU A 232 -6.35 -4.11 13.49
C GLU A 232 -6.94 -3.07 12.55
N ILE A 233 -6.77 -3.28 11.25
CA ILE A 233 -7.29 -2.35 10.25
C ILE A 233 -8.81 -2.45 10.18
N GLU A 234 -9.31 -3.68 10.29
CA GLU A 234 -10.74 -3.92 10.22
C GLU A 234 -11.43 -3.34 11.46
N LYS A 235 -10.78 -3.48 12.61
CA LYS A 235 -11.34 -2.96 13.86
C LYS A 235 -11.59 -1.45 13.83
N LEU A 236 -10.74 -0.70 13.12
CA LEU A 236 -10.87 0.75 13.06
C LEU A 236 -12.16 1.27 12.43
N ALA A 237 -13.12 0.38 12.21
CA ALA A 237 -14.41 0.77 11.65
C ALA A 237 -15.51 0.23 12.55
#